data_4FQG
#
_entry.id   4FQG
#
_cell.length_a   27.919
_cell.length_b   77.087
_cell.length_c   95.179
_cell.angle_alpha   90.00
_cell.angle_beta   96.01
_cell.angle_gamma   90.00
#
_symmetry.space_group_name_H-M   'P 1 21 1'
#
loop_
_entity.id
_entity.type
_entity.pdbx_description
1 polymer 'Transcription elongation regulator 1'
2 non-polymer 'NICKEL (II) ION'
3 non-polymer 'CHLORIDE ION'
4 water water
#
_entity_poly.entity_id   1
_entity_poly.type   'polypeptide(L)'
_entity_poly.pdbx_seq_one_letter_code
;SHMKREEAIQNFKALLSDMVRSSDVSWSDTRRTLRKDHRWESGSLLEREEKEKLFNEHIEALTKKKREHFRQLLDETSAI
TLTSTWKEVKKIIKEDPRCIKFSSSDRKKQREFEEYIRDKYITAKADFRTLLKETKFITYRSKKLIQESDQHLKDVEKIL
QNDKRYLVLDCVPEERRKLIVAYVDDLDRR
;
_entity_poly.pdbx_strand_id   A,B
#
loop_
_chem_comp.id
_chem_comp.type
_chem_comp.name
_chem_comp.formula
CL non-polymer 'CHLORIDE ION' 'Cl -1'
NI non-polymer 'NICKEL (II) ION' 'Ni 2'
#
# COMPACT_ATOMS: atom_id res chain seq x y z
N SER A 1 -22.84 -25.45 51.64
CA SER A 1 -23.75 -24.55 50.93
C SER A 1 -23.01 -23.63 49.96
N HIS A 2 -21.70 -23.81 49.87
CA HIS A 2 -20.89 -23.07 48.91
C HIS A 2 -21.45 -23.19 47.49
N MET A 3 -21.94 -24.37 47.12
CA MET A 3 -22.49 -24.57 45.78
C MET A 3 -23.77 -23.78 45.53
N LYS A 4 -24.37 -23.25 46.58
CA LYS A 4 -25.62 -22.51 46.41
C LYS A 4 -25.42 -21.24 45.57
N ARG A 5 -24.30 -20.58 45.78
CA ARG A 5 -23.98 -19.38 45.00
C ARG A 5 -23.70 -19.73 43.55
N GLU A 6 -23.03 -20.85 43.33
CA GLU A 6 -22.78 -21.31 41.97
C GLU A 6 -24.11 -21.66 41.29
N GLU A 7 -24.99 -22.33 42.02
CA GLU A 7 -26.32 -22.67 41.51
C GLU A 7 -27.12 -21.41 41.15
N ALA A 8 -27.00 -20.36 41.97
CA ALA A 8 -27.68 -19.11 41.69
C ALA A 8 -27.16 -18.44 40.42
N ILE A 9 -25.85 -18.54 40.20
CA ILE A 9 -25.25 -17.98 38.99
C ILE A 9 -25.83 -18.66 37.76
N GLN A 10 -25.87 -19.98 37.78
CA GLN A 10 -26.43 -20.74 36.68
C GLN A 10 -27.92 -20.45 36.49
N ASN A 11 -28.64 -20.27 37.59
CA ASN A 11 -30.05 -19.90 37.51
C ASN A 11 -30.25 -18.53 36.88
N PHE A 12 -29.46 -17.57 37.32
CA PHE A 12 -29.56 -16.24 36.76
C PHE A 12 -29.15 -16.28 35.30
N LYS A 13 -28.10 -17.04 34.98
CA LYS A 13 -27.71 -17.21 33.59
C LYS A 13 -28.80 -17.80 32.70
N ALA A 14 -29.55 -18.77 33.24
CA ALA A 14 -30.64 -19.39 32.50
C ALA A 14 -31.77 -18.38 32.29
N LEU A 15 -32.01 -17.55 33.30
CA LEU A 15 -33.02 -16.51 33.18
C LEU A 15 -32.66 -15.55 32.05
N LEU A 16 -31.40 -15.12 32.00
CA LEU A 16 -30.95 -14.22 30.92
C LEU A 16 -31.05 -14.87 29.55
N SER A 17 -30.58 -16.12 29.45
CA SER A 17 -30.64 -16.85 28.20
C SER A 17 -32.06 -16.93 27.71
N ASP A 18 -32.99 -17.11 28.64
CA ASP A 18 -34.40 -17.27 28.29
C ASP A 18 -35.00 -15.94 27.86
N MET A 19 -34.78 -14.90 28.67
CA MET A 19 -35.48 -13.63 28.47
C MET A 19 -34.76 -12.53 27.68
N VAL A 20 -33.46 -12.64 27.49
CA VAL A 20 -32.74 -11.60 26.76
C VAL A 20 -32.16 -12.20 25.50
N ARG A 21 -32.80 -11.89 24.37
CA ARG A 21 -32.36 -12.40 23.07
C ARG A 21 -31.70 -11.35 22.18
N SER A 22 -31.72 -10.09 22.61
CA SER A 22 -31.23 -8.98 21.80
C SER A 22 -30.06 -8.31 22.50
N SER A 23 -29.06 -7.93 21.72
CA SER A 23 -27.88 -7.31 22.30
C SER A 23 -28.07 -5.81 22.38
N ASP A 24 -29.22 -5.34 21.91
CA ASP A 24 -29.50 -3.91 21.92
C ASP A 24 -29.93 -3.39 23.29
N VAL A 25 -30.45 -4.26 24.15
CA VAL A 25 -31.08 -3.81 25.40
C VAL A 25 -30.13 -3.36 26.52
N SER A 26 -30.56 -2.37 27.29
CA SER A 26 -29.81 -1.89 28.44
C SER A 26 -30.03 -2.75 29.70
N TRP A 27 -29.06 -2.71 30.61
CA TRP A 27 -29.20 -3.32 31.93
C TRP A 27 -30.32 -2.64 32.70
N SER A 28 -30.37 -1.31 32.58
CA SER A 28 -31.40 -0.52 33.25
C SER A 28 -32.79 -1.02 32.93
N ASP A 29 -33.08 -1.18 31.64
CA ASP A 29 -34.38 -1.69 31.22
C ASP A 29 -34.59 -3.14 31.67
N THR A 30 -33.55 -3.96 31.49
CA THR A 30 -33.65 -5.39 31.74
C THR A 30 -33.87 -5.73 33.22
N ARG A 31 -33.16 -5.04 34.11
CA ARG A 31 -33.32 -5.29 35.54
C ARG A 31 -34.70 -4.84 36.01
N ARG A 32 -35.30 -3.92 35.25
CA ARG A 32 -36.67 -3.48 35.52
C ARG A 32 -37.67 -4.58 35.19
N THR A 33 -37.57 -5.10 33.97
CA THR A 33 -38.55 -6.07 33.50
C THR A 33 -38.36 -7.46 34.08
N LEU A 34 -37.11 -7.87 34.24
CA LEU A 34 -36.84 -9.20 34.79
C LEU A 34 -37.32 -9.31 36.22
N ARG A 35 -37.37 -8.19 36.92
CA ARG A 35 -37.82 -8.18 38.30
C ARG A 35 -39.29 -8.56 38.39
N LYS A 36 -40.02 -8.43 37.29
CA LYS A 36 -41.44 -8.82 37.27
C LYS A 36 -41.59 -10.32 37.07
N ASP A 37 -40.48 -11.00 36.82
CA ASP A 37 -40.49 -12.44 36.58
C ASP A 37 -40.12 -13.12 37.90
N HIS A 38 -40.94 -14.07 38.35
CA HIS A 38 -40.73 -14.68 39.66
C HIS A 38 -39.39 -15.39 39.77
N ARG A 39 -38.75 -15.64 38.64
CA ARG A 39 -37.46 -16.33 38.64
C ARG A 39 -36.35 -15.43 39.17
N TRP A 40 -36.65 -14.13 39.30
CA TRP A 40 -35.63 -13.15 39.70
C TRP A 40 -35.06 -13.42 41.10
N GLU A 41 -35.94 -13.81 42.02
CA GLU A 41 -35.53 -14.03 43.40
C GLU A 41 -34.51 -15.16 43.57
N SER A 42 -34.46 -16.04 42.58
CA SER A 42 -33.52 -17.14 42.59
C SER A 42 -32.08 -16.63 42.45
N GLY A 43 -31.93 -15.34 42.18
CA GLY A 43 -30.63 -14.72 42.14
C GLY A 43 -30.35 -13.88 43.37
N SER A 44 -31.13 -14.08 44.43
CA SER A 44 -30.98 -13.26 45.63
C SER A 44 -29.55 -13.27 46.21
N LEU A 45 -28.86 -14.40 46.10
CA LEU A 45 -27.48 -14.49 46.60
C LEU A 45 -26.49 -13.63 45.80
N LEU A 46 -26.92 -13.13 44.66
CA LEU A 46 -26.03 -12.33 43.81
C LEU A 46 -26.23 -10.83 44.00
N GLU A 47 -25.14 -10.13 44.29
CA GLU A 47 -25.20 -8.69 44.47
C GLU A 47 -25.43 -8.02 43.11
N ARG A 48 -25.97 -6.80 43.13
CA ARG A 48 -26.32 -6.13 41.88
C ARG A 48 -25.14 -6.04 40.92
N GLU A 49 -23.95 -5.86 41.47
CA GLU A 49 -22.76 -5.76 40.64
C GLU A 49 -22.51 -7.04 39.85
N GLU A 50 -22.58 -8.19 40.52
CA GLU A 50 -22.35 -9.44 39.85
C GLU A 50 -23.49 -9.81 38.89
N LYS A 51 -24.73 -9.43 39.22
CA LYS A 51 -25.83 -9.59 38.28
C LYS A 51 -25.55 -8.80 37.01
N GLU A 52 -25.16 -7.55 37.18
CA GLU A 52 -24.86 -6.69 36.04
C GLU A 52 -23.68 -7.21 35.25
N LYS A 53 -22.71 -7.80 35.95
CA LYS A 53 -21.56 -8.42 35.29
C LYS A 53 -22.02 -9.58 34.42
N LEU A 54 -22.85 -10.45 35.00
CA LEU A 54 -23.43 -11.56 34.27
C LEU A 54 -24.23 -11.09 33.06
N PHE A 55 -24.93 -9.97 33.23
CA PHE A 55 -25.69 -9.39 32.13
C PHE A 55 -24.75 -8.91 31.02
N ASN A 56 -23.67 -8.23 31.39
CA ASN A 56 -22.73 -7.74 30.40
C ASN A 56 -22.08 -8.87 29.62
N GLU A 57 -21.68 -9.92 30.33
CA GLU A 57 -21.08 -11.08 29.68
C GLU A 57 -22.08 -11.68 28.69
N HIS A 58 -23.33 -11.78 29.12
CA HIS A 58 -24.40 -12.29 28.27
C HIS A 58 -24.57 -11.47 27.00
N ILE A 59 -24.63 -10.15 27.12
CA ILE A 59 -24.73 -9.29 25.94
C ILE A 59 -23.49 -9.53 25.05
N GLU A 60 -22.34 -9.70 25.68
CA GLU A 60 -21.11 -9.95 24.95
C GLU A 60 -21.21 -11.24 24.13
N ALA A 61 -21.76 -12.27 24.76
CA ALA A 61 -21.95 -13.57 24.10
C ALA A 61 -22.93 -13.47 22.94
N LEU A 62 -24.04 -12.77 23.15
CA LEU A 62 -25.03 -12.61 22.09
C LEU A 62 -24.42 -11.84 20.93
N THR A 63 -23.63 -10.81 21.25
CA THR A 63 -23.01 -9.97 20.24
C THR A 63 -22.07 -10.79 19.33
N LYS A 64 -21.25 -11.62 19.95
CA LYS A 64 -20.32 -12.48 19.21
C LYS A 64 -21.03 -13.47 18.33
N LYS A 65 -22.09 -14.07 18.87
CA LYS A 65 -22.83 -15.08 18.14
C LYS A 65 -23.52 -14.45 16.95
N LYS A 66 -24.21 -13.33 17.20
CA LYS A 66 -24.92 -12.66 16.12
C LYS A 66 -23.98 -12.16 15.03
N ARG A 67 -22.80 -11.65 15.40
CA ARG A 67 -21.86 -11.17 14.41
C ARG A 67 -21.38 -12.32 13.52
N GLU A 68 -21.11 -13.46 14.14
CA GLU A 68 -20.64 -14.62 13.41
C GLU A 68 -21.68 -15.11 12.40
N HIS A 69 -22.93 -15.19 12.83
CA HIS A 69 -24.00 -15.60 11.92
C HIS A 69 -24.28 -14.55 10.84
N PHE A 70 -24.14 -13.28 11.20
CA PHE A 70 -24.29 -12.20 10.22
C PHE A 70 -23.24 -12.38 9.11
N ARG A 71 -22.01 -12.63 9.52
CA ARG A 71 -20.92 -12.72 8.56
C ARG A 71 -21.06 -13.97 7.69
N GLN A 72 -21.57 -15.03 8.30
CA GLN A 72 -21.86 -16.26 7.57
C GLN A 72 -22.90 -16.02 6.48
N LEU A 73 -23.94 -15.28 6.81
CA LEU A 73 -24.97 -14.89 5.85
C LEU A 73 -24.35 -14.10 4.71
N LEU A 74 -23.47 -13.16 5.03
CA LEU A 74 -22.83 -12.34 4.00
C LEU A 74 -21.95 -13.23 3.13
N ASP A 75 -21.23 -14.16 3.77
CA ASP A 75 -20.37 -15.08 3.03
C ASP A 75 -21.17 -15.96 2.09
N GLU A 76 -22.45 -16.16 2.43
CA GLU A 76 -23.32 -17.02 1.63
C GLU A 76 -24.03 -16.25 0.52
N THR A 77 -23.84 -14.93 0.48
CA THR A 77 -24.52 -14.12 -0.52
C THR A 77 -23.52 -13.80 -1.61
N SER A 78 -23.64 -14.50 -2.74
CA SER A 78 -22.58 -14.51 -3.75
C SER A 78 -22.53 -13.22 -4.57
N ALA A 79 -23.60 -12.44 -4.52
CA ALA A 79 -23.64 -11.19 -5.27
C ALA A 79 -22.77 -10.13 -4.63
N ILE A 80 -22.31 -10.36 -3.40
CA ILE A 80 -21.48 -9.36 -2.73
C ILE A 80 -20.10 -9.24 -3.37
N THR A 81 -19.66 -8.01 -3.59
CA THR A 81 -18.33 -7.75 -4.11
C THR A 81 -17.65 -6.74 -3.22
N LEU A 82 -16.35 -6.61 -3.39
CA LEU A 82 -15.57 -5.65 -2.61
C LEU A 82 -16.20 -4.26 -2.66
N THR A 83 -16.87 -3.94 -3.76
CA THR A 83 -17.47 -2.62 -3.91
C THR A 83 -18.96 -2.51 -3.58
N SER A 84 -19.59 -3.60 -3.14
CA SER A 84 -21.01 -3.58 -2.77
C SER A 84 -21.28 -2.59 -1.64
N THR A 85 -22.46 -1.99 -1.66
CA THR A 85 -22.87 -1.07 -0.62
C THR A 85 -23.91 -1.73 0.29
N TRP A 86 -23.92 -1.34 1.57
CA TRP A 86 -24.92 -1.85 2.49
C TRP A 86 -26.32 -1.67 1.90
N LYS A 87 -26.55 -0.52 1.27
CA LYS A 87 -27.85 -0.24 0.65
C LYS A 87 -28.26 -1.30 -0.38
N GLU A 88 -27.30 -1.75 -1.17
CA GLU A 88 -27.57 -2.79 -2.18
C GLU A 88 -27.82 -4.14 -1.50
N VAL A 89 -26.91 -4.49 -0.59
CA VAL A 89 -26.92 -5.80 0.05
C VAL A 89 -28.16 -6.02 0.92
N LYS A 90 -28.57 -4.99 1.64
CA LYS A 90 -29.74 -5.07 2.51
C LYS A 90 -30.97 -5.57 1.75
N LYS A 91 -31.10 -5.16 0.49
CA LYS A 91 -32.24 -5.55 -0.34
C LYS A 91 -32.29 -7.07 -0.55
N ILE A 92 -31.12 -7.69 -0.61
CA ILE A 92 -31.05 -9.14 -0.83
C ILE A 92 -31.37 -9.95 0.43
N ILE A 93 -30.74 -9.56 1.54
CA ILE A 93 -30.76 -10.37 2.75
C ILE A 93 -31.82 -9.97 3.80
N LYS A 94 -32.67 -9.02 3.42
CA LYS A 94 -33.65 -8.46 4.35
C LYS A 94 -34.50 -9.46 5.14
N GLU A 95 -34.85 -10.59 4.53
CA GLU A 95 -35.72 -11.56 5.20
C GLU A 95 -34.98 -12.59 6.07
N ASP A 96 -33.65 -12.59 6.02
CA ASP A 96 -32.92 -13.61 6.76
C ASP A 96 -32.84 -13.25 8.24
N PRO A 97 -33.22 -14.19 9.12
CA PRO A 97 -33.19 -13.94 10.56
C PRO A 97 -31.82 -13.53 11.08
N ARG A 98 -30.77 -14.00 10.43
CA ARG A 98 -29.43 -13.62 10.86
C ARG A 98 -29.19 -12.13 10.61
N CYS A 99 -29.85 -11.55 9.62
CA CYS A 99 -29.84 -10.09 9.48
C CYS A 99 -30.82 -9.39 10.42
N ILE A 100 -32.06 -9.87 10.42
CA ILE A 100 -33.11 -9.26 11.24
C ILE A 100 -32.73 -9.19 12.72
N LYS A 101 -32.28 -10.31 13.26
CA LYS A 101 -32.01 -10.42 14.69
C LYS A 101 -30.62 -9.91 15.10
N PHE A 102 -29.85 -9.41 14.15
CA PHE A 102 -28.53 -8.90 14.49
C PHE A 102 -28.63 -7.69 15.42
N SER A 103 -29.59 -6.83 15.11
CA SER A 103 -29.81 -5.62 15.88
C SER A 103 -30.99 -4.86 15.27
N SER A 104 -31.62 -4.00 16.05
CA SER A 104 -32.71 -3.21 15.52
C SER A 104 -32.14 -2.00 14.79
N SER A 105 -30.85 -1.76 15.03
CA SER A 105 -30.15 -0.60 14.50
C SER A 105 -29.56 -0.84 13.12
N ASP A 106 -29.99 -0.03 12.15
CA ASP A 106 -29.43 -0.08 10.81
C ASP A 106 -27.97 0.36 10.83
N ARG A 107 -27.67 1.37 11.64
CA ARG A 107 -26.29 1.85 11.82
C ARG A 107 -25.36 0.71 12.22
N LYS A 108 -25.82 -0.12 13.15
CA LYS A 108 -24.97 -1.21 13.60
C LYS A 108 -24.84 -2.32 12.56
N LYS A 109 -25.89 -2.54 11.79
CA LYS A 109 -25.79 -3.49 10.69
C LYS A 109 -24.87 -2.96 9.61
N GLN A 110 -25.05 -1.69 9.26
CA GLN A 110 -24.21 -1.09 8.23
C GLN A 110 -22.74 -1.13 8.64
N ARG A 111 -22.49 -0.85 9.91
CA ARG A 111 -21.13 -0.82 10.41
C ARG A 111 -20.51 -2.21 10.38
N GLU A 112 -21.32 -3.22 10.71
CA GLU A 112 -20.82 -4.58 10.69
C GLU A 112 -20.56 -5.00 9.25
N PHE A 113 -21.38 -4.52 8.33
CA PHE A 113 -21.17 -4.81 6.92
C PHE A 113 -19.85 -4.24 6.40
N GLU A 114 -19.61 -2.97 6.72
CA GLU A 114 -18.41 -2.29 6.25
C GLU A 114 -17.15 -2.95 6.83
N GLU A 115 -17.29 -3.48 8.04
CA GLU A 115 -16.19 -4.17 8.70
C GLU A 115 -15.92 -5.52 8.04
N TYR A 116 -17.00 -6.20 7.66
CA TYR A 116 -16.90 -7.45 6.93
C TYR A 116 -16.16 -7.25 5.62
N ILE A 117 -16.51 -6.19 4.90
CA ILE A 117 -15.89 -5.92 3.61
C ILE A 117 -14.43 -5.56 3.77
N ARG A 118 -14.13 -4.79 4.81
CA ARG A 118 -12.75 -4.46 5.13
C ARG A 118 -11.95 -5.74 5.35
N ASP A 119 -12.46 -6.66 6.16
CA ASP A 119 -11.75 -7.90 6.43
C ASP A 119 -11.60 -8.73 5.16
N LYS A 120 -12.61 -8.66 4.30
CA LYS A 120 -12.62 -9.42 3.05
C LYS A 120 -11.50 -8.91 2.13
N TYR A 121 -11.39 -7.58 2.09
CA TYR A 121 -10.37 -6.84 1.34
C TYR A 121 -8.96 -7.19 1.84
N ILE A 122 -8.79 -7.16 3.16
CA ILE A 122 -7.53 -7.53 3.80
C ILE A 122 -7.11 -8.96 3.48
N THR A 123 -8.07 -9.88 3.53
CA THR A 123 -7.79 -11.27 3.24
C THR A 123 -7.38 -11.47 1.78
N ALA A 124 -8.06 -10.78 0.88
CA ALA A 124 -7.77 -10.88 -0.55
C ALA A 124 -6.37 -10.35 -0.92
N LYS A 125 -5.92 -9.31 -0.22
CA LYS A 125 -4.58 -8.78 -0.47
C LYS A 125 -3.53 -9.79 -0.02
N ALA A 126 -3.74 -10.38 1.15
CA ALA A 126 -2.83 -11.39 1.67
C ALA A 126 -2.69 -12.53 0.66
N ASP A 127 -3.83 -13.05 0.20
CA ASP A 127 -3.80 -14.14 -0.78
C ASP A 127 -3.05 -13.72 -2.04
N PHE A 128 -3.26 -12.48 -2.45
CA PHE A 128 -2.65 -11.96 -3.67
C PHE A 128 -1.13 -11.89 -3.53
N ARG A 129 -0.66 -11.54 -2.34
CA ARG A 129 0.78 -11.50 -2.09
C ARG A 129 1.38 -12.90 -2.18
N THR A 130 0.62 -13.89 -1.73
CA THR A 130 1.02 -15.28 -1.86
C THR A 130 1.24 -15.61 -3.34
N LEU A 131 0.22 -15.32 -4.14
CA LEU A 131 0.30 -15.54 -5.58
C LEU A 131 1.54 -14.88 -6.16
N LEU A 132 1.78 -13.63 -5.76
CA LEU A 132 2.91 -12.88 -6.28
C LEU A 132 4.22 -13.62 -5.99
N LYS A 133 4.35 -14.14 -4.78
CA LYS A 133 5.56 -14.85 -4.37
C LYS A 133 5.72 -16.16 -5.15
N GLU A 134 4.61 -16.68 -5.66
CA GLU A 134 4.64 -17.90 -6.45
C GLU A 134 5.17 -17.63 -7.86
N THR A 135 5.03 -16.39 -8.31
CA THR A 135 5.32 -16.04 -9.69
C THR A 135 6.78 -15.66 -9.85
N LYS A 136 7.54 -16.48 -10.57
CA LYS A 136 8.99 -16.29 -10.67
C LYS A 136 9.38 -15.48 -11.90
N PHE A 137 8.40 -15.11 -12.71
CA PHE A 137 8.65 -14.15 -13.78
C PHE A 137 8.88 -12.80 -13.12
N ILE A 138 8.40 -12.67 -11.88
CA ILE A 138 8.57 -11.46 -11.12
C ILE A 138 9.86 -11.56 -10.30
N THR A 139 10.85 -10.76 -10.68
CA THR A 139 12.18 -10.88 -10.11
C THR A 139 12.69 -9.56 -9.56
N TYR A 140 13.90 -9.60 -9.01
CA TYR A 140 14.58 -8.40 -8.52
C TYR A 140 14.77 -7.41 -9.67
N ARG A 141 14.79 -7.93 -10.90
CA ARG A 141 14.99 -7.10 -12.08
C ARG A 141 13.69 -6.46 -12.59
N SER A 142 12.55 -6.99 -12.16
CA SER A 142 11.25 -6.42 -12.51
C SER A 142 11.08 -4.92 -12.33
N LYS A 143 11.57 -4.43 -11.20
CA LYS A 143 11.59 -2.99 -10.92
C LYS A 143 12.41 -2.09 -11.89
N LYS A 144 13.51 -2.67 -12.36
CA LYS A 144 14.28 -2.09 -13.45
C LYS A 144 13.25 -2.05 -14.58
N LEU A 145 12.78 -3.22 -14.97
CA LEU A 145 11.93 -3.35 -16.14
C LEU A 145 10.72 -2.43 -16.10
N ILE A 146 10.07 -2.35 -14.94
CA ILE A 146 8.87 -1.52 -14.81
C ILE A 146 9.14 -0.04 -15.07
N GLN A 147 10.30 0.43 -14.63
CA GLN A 147 10.60 1.85 -14.78
C GLN A 147 11.00 2.21 -16.20
N GLU A 148 11.40 1.21 -16.98
CA GLU A 148 11.81 1.43 -18.36
C GLU A 148 10.66 1.51 -19.37
N SER A 149 9.51 0.95 -19.01
CA SER A 149 8.41 0.84 -19.96
C SER A 149 7.16 0.22 -19.38
N ASP A 150 6.05 0.45 -20.09
CA ASP A 150 4.76 -0.13 -19.74
C ASP A 150 4.73 -1.65 -19.82
N GLN A 151 5.67 -2.22 -20.55
CA GLN A 151 5.54 -3.62 -20.96
C GLN A 151 5.52 -4.65 -19.84
N HIS A 152 6.51 -4.58 -18.94
CA HIS A 152 6.72 -5.65 -17.98
C HIS A 152 5.47 -5.87 -17.12
N LEU A 153 4.89 -4.77 -16.64
CA LEU A 153 3.69 -4.85 -15.83
C LEU A 153 2.56 -5.53 -16.59
N LYS A 154 2.48 -5.30 -17.89
CA LYS A 154 1.46 -5.97 -18.68
C LYS A 154 1.74 -7.47 -18.78
N ASP A 155 3.00 -7.81 -19.03
CA ASP A 155 3.43 -9.21 -19.08
C ASP A 155 3.11 -9.95 -17.78
N VAL A 156 3.38 -9.28 -16.66
CA VAL A 156 3.09 -9.86 -15.35
C VAL A 156 1.59 -10.09 -15.24
N GLU A 157 0.82 -9.04 -15.47
CA GLU A 157 -0.64 -9.13 -15.35
C GLU A 157 -1.22 -10.22 -16.25
N LYS A 158 -0.53 -10.54 -17.33
CA LYS A 158 -0.98 -11.60 -18.24
C LYS A 158 -0.85 -12.94 -17.52
N ILE A 159 0.34 -13.18 -16.97
CA ILE A 159 0.61 -14.42 -16.25
C ILE A 159 -0.31 -14.62 -15.04
N LEU A 160 -0.66 -13.53 -14.35
CA LEU A 160 -1.49 -13.60 -13.15
C LEU A 160 -2.99 -13.60 -13.44
N GLN A 161 -3.34 -13.23 -14.66
CA GLN A 161 -4.69 -12.84 -15.04
C GLN A 161 -5.77 -13.90 -14.75
N ASN A 162 -5.38 -15.17 -14.87
CA ASN A 162 -6.32 -16.27 -14.75
C ASN A 162 -6.36 -16.97 -13.39
N ASP A 163 -5.62 -16.45 -12.41
CA ASP A 163 -5.59 -17.05 -11.09
C ASP A 163 -6.73 -16.53 -10.21
N LYS A 164 -7.34 -17.45 -9.47
CA LYS A 164 -8.46 -17.17 -8.59
C LYS A 164 -8.21 -15.97 -7.67
N ARG A 165 -6.98 -15.85 -7.17
CA ARG A 165 -6.61 -14.81 -6.21
C ARG A 165 -6.45 -13.42 -6.82
N TYR A 166 -5.89 -13.36 -8.02
CA TYR A 166 -5.81 -12.11 -8.78
C TYR A 166 -7.17 -11.57 -9.18
N LEU A 167 -8.02 -12.49 -9.61
CA LEU A 167 -9.36 -12.16 -10.10
C LEU A 167 -10.41 -11.69 -9.09
N VAL A 168 -10.21 -12.04 -7.81
CA VAL A 168 -11.14 -11.64 -6.76
C VAL A 168 -10.93 -10.15 -6.47
N LEU A 169 -9.82 -9.60 -6.97
CA LEU A 169 -9.52 -8.18 -6.82
C LEU A 169 -9.95 -7.32 -8.03
N ASP A 170 -10.66 -7.91 -8.98
CA ASP A 170 -11.08 -7.19 -10.18
C ASP A 170 -11.79 -5.86 -9.88
N CYS A 171 -12.44 -5.77 -8.74
CA CYS A 171 -13.21 -4.57 -8.40
C CYS A 171 -12.35 -3.38 -7.98
N VAL A 172 -11.11 -3.65 -7.58
CA VAL A 172 -10.21 -2.61 -7.10
C VAL A 172 -8.92 -2.54 -7.93
N PRO A 173 -9.09 -2.29 -9.22
CA PRO A 173 -7.96 -2.27 -10.18
C PRO A 173 -6.73 -1.52 -9.70
N GLU A 174 -6.88 -0.26 -9.30
CA GLU A 174 -5.74 0.54 -8.85
C GLU A 174 -5.04 -0.10 -7.66
N GLU A 175 -5.83 -0.57 -6.71
CA GLU A 175 -5.30 -1.20 -5.51
C GLU A 175 -4.42 -2.38 -5.88
N ARG A 176 -4.96 -3.27 -6.71
CA ARG A 176 -4.24 -4.46 -7.13
C ARG A 176 -2.91 -4.10 -7.76
N ARG A 177 -2.92 -3.12 -8.67
CA ARG A 177 -1.70 -2.70 -9.33
C ARG A 177 -0.68 -2.24 -8.31
N LYS A 178 -1.14 -1.47 -7.31
CA LYS A 178 -0.24 -1.04 -6.25
C LYS A 178 0.43 -2.22 -5.55
N LEU A 179 -0.36 -3.27 -5.32
CA LEU A 179 0.14 -4.47 -4.67
C LEU A 179 1.29 -5.06 -5.48
N ILE A 180 1.10 -5.13 -6.80
CA ILE A 180 2.15 -5.64 -7.68
C ILE A 180 3.39 -4.75 -7.58
N VAL A 181 3.19 -3.44 -7.69
CA VAL A 181 4.28 -2.49 -7.50
C VAL A 181 4.99 -2.67 -6.15
N ALA A 182 4.20 -2.77 -5.07
CA ALA A 182 4.76 -2.93 -3.73
C ALA A 182 5.63 -4.17 -3.64
N TYR A 183 5.14 -5.28 -4.20
CA TYR A 183 5.92 -6.50 -4.22
C TYR A 183 7.18 -6.37 -5.07
N VAL A 184 7.09 -5.65 -6.18
CA VAL A 184 8.24 -5.44 -7.05
C VAL A 184 9.32 -4.63 -6.34
N ASP A 185 8.91 -3.65 -5.53
CA ASP A 185 9.87 -2.90 -4.73
C ASP A 185 10.67 -3.81 -3.80
N ASP A 186 10.00 -4.42 -2.82
CA ASP A 186 10.68 -5.31 -1.89
C ASP A 186 11.22 -6.55 -2.60
N SER B 1 -17.29 27.85 12.80
CA SER B 1 -16.27 26.95 13.34
C SER B 1 -15.71 26.00 12.29
N HIS B 2 -16.16 26.16 11.05
CA HIS B 2 -15.76 25.29 9.94
C HIS B 2 -14.26 25.32 9.68
N MET B 3 -13.60 26.40 10.08
CA MET B 3 -12.16 26.48 9.89
C MET B 3 -11.39 25.71 10.95
N LYS B 4 -12.05 25.27 12.01
CA LYS B 4 -11.34 24.56 13.08
C LYS B 4 -10.76 23.25 12.55
N ARG B 5 -11.51 22.57 11.68
CA ARG B 5 -11.00 21.35 11.06
C ARG B 5 -9.78 21.64 10.19
N GLU B 6 -9.82 22.77 9.48
CA GLU B 6 -8.71 23.14 8.63
C GLU B 6 -7.50 23.51 9.49
N GLU B 7 -7.75 24.20 10.60
CA GLU B 7 -6.65 24.53 11.51
C GLU B 7 -6.05 23.26 12.12
N ALA B 8 -6.88 22.26 12.42
CA ALA B 8 -6.39 20.97 12.92
C ALA B 8 -5.48 20.25 11.91
N ILE B 9 -5.89 20.26 10.64
CA ILE B 9 -5.09 19.64 9.57
C ILE B 9 -3.73 20.32 9.51
N GLN B 10 -3.73 21.65 9.50
CA GLN B 10 -2.48 22.39 9.46
C GLN B 10 -1.62 22.16 10.72
N ASN B 11 -2.26 22.06 11.87
CA ASN B 11 -1.52 21.77 13.09
C ASN B 11 -0.88 20.39 13.03
N PHE B 12 -1.64 19.43 12.54
CA PHE B 12 -1.12 18.07 12.49
C PHE B 12 0.00 17.96 11.46
N LYS B 13 -0.18 18.59 10.30
CA LYS B 13 0.90 18.67 9.33
C LYS B 13 2.17 19.33 9.90
N ALA B 14 2.00 20.34 10.73
CA ALA B 14 3.13 21.00 11.38
C ALA B 14 3.87 20.04 12.31
N LEU B 15 3.12 19.34 13.13
CA LEU B 15 3.68 18.35 14.02
C LEU B 15 4.51 17.31 13.25
N LEU B 16 3.95 16.78 12.16
CA LEU B 16 4.68 15.83 11.31
C LEU B 16 5.93 16.45 10.75
N SER B 17 5.81 17.66 10.22
CA SER B 17 6.96 18.36 9.65
C SER B 17 8.08 18.50 10.68
N ASP B 18 7.69 18.88 11.90
CA ASP B 18 8.68 19.08 12.94
C ASP B 18 9.32 17.77 13.37
N MET B 19 8.49 16.77 13.62
CA MET B 19 8.97 15.55 14.26
C MET B 19 9.27 14.35 13.37
N VAL B 20 8.82 14.35 12.11
CA VAL B 20 9.08 13.20 11.26
C VAL B 20 10.00 13.64 10.15
N ARG B 21 11.28 13.30 10.29
CA ARG B 21 12.26 13.68 9.27
C ARG B 21 12.75 12.55 8.37
N SER B 22 12.39 11.32 8.72
CA SER B 22 12.86 10.15 7.99
C SER B 22 11.74 9.52 7.18
N SER B 23 12.03 9.20 5.93
CA SER B 23 11.04 8.57 5.08
C SER B 23 10.94 7.08 5.39
N ASP B 24 11.81 6.60 6.27
CA ASP B 24 11.88 5.19 6.62
C ASP B 24 10.83 4.76 7.65
N VAL B 25 10.41 5.69 8.52
CA VAL B 25 9.61 5.32 9.70
C VAL B 25 8.18 4.88 9.38
N SER B 26 7.61 4.07 10.27
CA SER B 26 6.28 3.50 10.05
C SER B 26 5.22 4.30 10.81
N TRP B 27 4.00 4.33 10.26
CA TRP B 27 2.89 4.97 10.95
C TRP B 27 2.71 4.37 12.35
N SER B 28 2.77 3.05 12.42
CA SER B 28 2.64 2.34 13.68
C SER B 28 3.57 2.90 14.76
N ASP B 29 4.85 3.09 14.42
CA ASP B 29 5.79 3.66 15.39
C ASP B 29 5.51 5.14 15.63
N THR B 30 5.20 5.85 14.56
CA THR B 30 5.02 7.28 14.63
C THR B 30 3.82 7.64 15.49
N ARG B 31 2.70 6.96 15.28
CA ARG B 31 1.48 7.28 16.01
C ARG B 31 1.64 7.03 17.51
N ARG B 32 2.55 6.12 17.87
CA ARG B 32 2.84 5.87 19.28
C ARG B 32 3.76 6.94 19.87
N THR B 33 4.82 7.28 19.18
CA THR B 33 5.76 8.26 19.70
C THR B 33 5.16 9.67 19.75
N LEU B 34 4.44 10.08 18.71
CA LEU B 34 3.86 11.43 18.69
C LEU B 34 2.77 11.64 19.73
N ARG B 35 2.15 10.56 20.17
CA ARG B 35 1.14 10.64 21.21
C ARG B 35 1.73 11.15 22.52
N LYS B 36 3.05 11.04 22.65
CA LYS B 36 3.76 11.53 23.84
C LYS B 36 3.97 13.04 23.81
N ASP B 37 3.71 13.65 22.67
CA ASP B 37 3.87 15.09 22.46
C ASP B 37 2.50 15.72 22.66
N HIS B 38 2.41 16.72 23.53
CA HIS B 38 1.12 17.34 23.88
C HIS B 38 0.46 18.04 22.68
N ARG B 39 1.20 18.18 21.59
CA ARG B 39 0.63 18.69 20.35
C ARG B 39 -0.29 17.66 19.69
N TRP B 40 -0.20 16.41 20.11
CA TRP B 40 -1.05 15.37 19.52
C TRP B 40 -2.54 15.75 19.56
N GLU B 41 -2.95 16.31 20.67
CA GLU B 41 -4.37 16.57 20.91
C GLU B 41 -4.96 17.72 20.08
N SER B 42 -4.11 18.51 19.44
CA SER B 42 -4.59 19.51 18.49
C SER B 42 -5.11 18.83 17.22
N GLY B 43 -4.88 17.53 17.08
CA GLY B 43 -5.43 16.78 15.95
C GLY B 43 -6.65 15.94 16.28
N SER B 44 -7.27 16.21 17.43
CA SER B 44 -8.41 15.41 17.87
C SER B 44 -9.61 15.40 16.93
N LEU B 45 -9.76 16.45 16.12
CA LEU B 45 -10.84 16.52 15.12
C LEU B 45 -10.63 15.55 13.97
N LEU B 46 -9.39 15.08 13.82
CA LEU B 46 -9.03 14.23 12.70
C LEU B 46 -9.08 12.78 13.13
N GLU B 47 -9.89 12.00 12.44
CA GLU B 47 -10.02 10.57 12.72
C GLU B 47 -8.71 9.86 12.40
N ARG B 48 -8.52 8.69 12.98
CA ARG B 48 -7.28 7.92 12.81
C ARG B 48 -6.93 7.74 11.34
N GLU B 49 -7.94 7.48 10.53
CA GLU B 49 -7.71 7.25 9.11
C GLU B 49 -7.23 8.51 8.40
N GLU B 50 -7.76 9.66 8.78
CA GLU B 50 -7.37 10.95 8.21
C GLU B 50 -5.94 11.31 8.62
N LYS B 51 -5.58 11.03 9.88
CA LYS B 51 -4.21 11.23 10.33
C LYS B 51 -3.24 10.35 9.56
N GLU B 52 -3.62 9.10 9.34
CA GLU B 52 -2.70 8.18 8.68
C GLU B 52 -2.48 8.61 7.25
N LYS B 53 -3.52 9.21 6.65
CA LYS B 53 -3.39 9.70 5.29
C LYS B 53 -2.44 10.88 5.25
N LEU B 54 -2.56 11.79 6.21
CA LEU B 54 -1.66 12.93 6.28
C LEU B 54 -0.24 12.45 6.51
N PHE B 55 -0.09 11.39 7.30
CA PHE B 55 1.23 10.80 7.49
C PHE B 55 1.79 10.23 6.19
N ASN B 56 0.97 9.49 5.45
CA ASN B 56 1.41 8.92 4.18
C ASN B 56 1.80 10.01 3.18
N GLU B 57 1.00 11.05 3.11
CA GLU B 57 1.32 12.20 2.28
C GLU B 57 2.64 12.82 2.70
N HIS B 58 2.83 12.93 4.01
CA HIS B 58 4.07 13.49 4.52
C HIS B 58 5.26 12.64 4.10
N ILE B 59 5.14 11.33 4.28
CA ILE B 59 6.21 10.41 3.88
C ILE B 59 6.47 10.52 2.38
N GLU B 60 5.40 10.64 1.60
CA GLU B 60 5.51 10.80 0.16
C GLU B 60 6.29 12.07 -0.20
N ALA B 61 6.04 13.14 0.54
CA ALA B 61 6.71 14.42 0.32
C ALA B 61 8.19 14.36 0.72
N LEU B 62 8.47 13.78 1.87
CA LEU B 62 9.84 13.62 2.31
C LEU B 62 10.63 12.84 1.26
N THR B 63 10.03 11.79 0.74
CA THR B 63 10.71 10.94 -0.22
C THR B 63 11.10 11.71 -1.48
N LYS B 64 10.15 12.44 -2.05
CA LYS B 64 10.39 13.31 -3.20
C LYS B 64 11.54 14.30 -3.00
N LYS B 65 11.51 15.00 -1.87
CA LYS B 65 12.54 15.99 -1.55
C LYS B 65 13.92 15.34 -1.33
N LYS B 66 13.94 14.22 -0.60
CA LYS B 66 15.19 13.50 -0.36
C LYS B 66 15.76 12.98 -1.69
N ARG B 67 14.87 12.54 -2.57
CA ARG B 67 15.29 12.05 -3.88
C ARG B 67 15.94 13.15 -4.72
N GLU B 68 15.26 14.30 -4.84
CA GLU B 68 15.79 15.42 -5.62
C GLU B 68 17.20 15.83 -5.13
N HIS B 69 17.35 15.97 -3.82
CA HIS B 69 18.62 16.36 -3.23
C HIS B 69 19.71 15.30 -3.40
N PHE B 70 19.34 14.02 -3.30
CA PHE B 70 20.28 12.93 -3.50
C PHE B 70 20.83 12.98 -4.93
N ARG B 71 19.93 13.27 -5.86
CA ARG B 71 20.31 13.35 -7.27
C ARG B 71 21.13 14.58 -7.59
N GLN B 72 20.82 15.70 -6.95
CA GLN B 72 21.65 16.88 -7.08
C GLN B 72 23.08 16.59 -6.63
N LEU B 73 23.22 15.91 -5.49
CA LEU B 73 24.52 15.48 -5.00
C LEU B 73 25.29 14.65 -6.04
N LEU B 74 24.58 13.71 -6.64
CA LEU B 74 25.17 12.86 -7.67
C LEU B 74 25.61 13.71 -8.90
N ASP B 75 24.75 14.62 -9.33
CA ASP B 75 25.08 15.53 -10.43
C ASP B 75 26.32 16.40 -10.12
N GLU B 76 26.57 16.63 -8.83
CA GLU B 76 27.67 17.47 -8.43
C GLU B 76 28.94 16.63 -8.26
N THR B 77 28.82 15.32 -8.40
CA THR B 77 29.98 14.46 -8.20
C THR B 77 30.52 14.14 -9.57
N SER B 78 31.62 14.78 -9.95
CA SER B 78 32.04 14.74 -11.35
C SER B 78 32.71 13.41 -11.68
N ALA B 79 33.22 12.73 -10.67
CA ALA B 79 33.88 11.44 -10.85
C ALA B 79 32.92 10.35 -11.33
N ILE B 80 31.62 10.59 -11.22
CA ILE B 80 30.64 9.58 -11.63
C ILE B 80 30.64 9.40 -13.16
N THR B 81 30.64 8.16 -13.61
CA THR B 81 30.47 7.86 -15.04
C THR B 81 29.31 6.87 -15.22
N LEU B 82 29.01 6.54 -16.48
CA LEU B 82 27.95 5.59 -16.76
C LEU B 82 28.26 4.19 -16.23
N THR B 83 29.54 3.86 -16.07
CA THR B 83 29.91 2.55 -15.53
C THR B 83 30.23 2.54 -14.04
N SER B 84 30.04 3.69 -13.36
CA SER B 84 30.34 3.77 -11.92
C SER B 84 29.43 2.86 -11.11
N THR B 85 29.95 2.31 -10.02
CA THR B 85 29.15 1.46 -9.16
C THR B 85 28.88 2.16 -7.84
N TRP B 86 27.79 1.79 -7.20
CA TRP B 86 27.44 2.35 -5.90
C TRP B 86 28.59 2.20 -4.91
N LYS B 87 29.21 1.04 -4.91
CA LYS B 87 30.29 0.80 -3.96
C LYS B 87 31.43 1.80 -4.16
N GLU B 88 31.69 2.16 -5.41
CA GLU B 88 32.72 3.15 -5.71
C GLU B 88 32.28 4.55 -5.30
N VAL B 89 31.08 4.93 -5.73
CA VAL B 89 30.58 6.27 -5.54
C VAL B 89 30.30 6.58 -4.06
N LYS B 90 29.90 5.57 -3.31
CA LYS B 90 29.58 5.75 -1.90
C LYS B 90 30.80 6.25 -1.13
N LYS B 91 31.99 5.83 -1.58
CA LYS B 91 33.22 6.23 -0.92
C LYS B 91 33.46 7.74 -1.05
N ILE B 92 32.98 8.33 -2.14
CA ILE B 92 33.12 9.77 -2.34
C ILE B 92 32.12 10.60 -1.51
N ILE B 93 30.86 10.19 -1.54
CA ILE B 93 29.76 11.02 -1.03
C ILE B 93 29.30 10.73 0.41
N LYS B 94 29.98 9.80 1.08
CA LYS B 94 29.56 9.33 2.40
C LYS B 94 29.33 10.38 3.49
N GLU B 95 30.03 11.51 3.42
CA GLU B 95 29.85 12.53 4.45
C GLU B 95 28.78 13.59 4.14
N ASP B 96 28.26 13.58 2.92
CA ASP B 96 27.29 14.60 2.53
C ASP B 96 25.94 14.24 3.15
N PRO B 97 25.31 15.21 3.84
CA PRO B 97 24.03 14.88 4.47
C PRO B 97 22.93 14.49 3.49
N ARG B 98 22.98 14.95 2.25
CA ARG B 98 21.96 14.53 1.30
C ARG B 98 22.07 13.03 1.00
N CYS B 99 23.26 12.46 1.19
CA CYS B 99 23.41 11.00 1.16
C CYS B 99 23.01 10.36 2.51
N ILE B 100 23.56 10.90 3.59
CA ILE B 100 23.31 10.35 4.92
C ILE B 100 21.83 10.32 5.25
N LYS B 101 21.14 11.42 5.01
CA LYS B 101 19.74 11.57 5.37
C LYS B 101 18.75 11.00 4.35
N PHE B 102 19.24 10.45 3.26
CA PHE B 102 18.34 9.86 2.26
C PHE B 102 17.55 8.72 2.87
N SER B 103 18.23 7.87 3.64
CA SER B 103 17.61 6.68 4.21
C SER B 103 18.67 5.97 5.03
N SER B 104 18.24 5.14 5.98
CA SER B 104 19.19 4.38 6.78
C SER B 104 19.57 3.12 6.03
N SER B 105 18.77 2.79 5.02
CA SER B 105 18.98 1.59 4.22
C SER B 105 20.01 1.88 3.14
N ASP B 106 21.10 1.12 3.14
CA ASP B 106 22.10 1.25 2.10
C ASP B 106 21.50 0.75 0.80
N ARG B 107 20.65 -0.26 0.91
CA ARG B 107 20.03 -0.88 -0.26
C ARG B 107 19.18 0.14 -1.02
N LYS B 108 18.44 0.96 -0.27
CA LYS B 108 17.60 1.98 -0.89
C LYS B 108 18.46 3.04 -1.59
N LYS B 109 19.59 3.42 -0.98
CA LYS B 109 20.49 4.37 -1.64
C LYS B 109 21.03 3.76 -2.92
N GLN B 110 21.41 2.49 -2.86
CA GLN B 110 21.97 1.83 -4.04
C GLN B 110 20.97 1.83 -5.19
N ARG B 111 19.72 1.47 -4.90
CA ARG B 111 18.71 1.37 -5.94
C ARG B 111 18.43 2.74 -6.55
N GLU B 112 18.49 3.77 -5.71
CA GLU B 112 18.29 5.14 -6.16
C GLU B 112 19.44 5.58 -7.05
N PHE B 113 20.66 5.26 -6.62
CA PHE B 113 21.84 5.53 -7.46
C PHE B 113 21.75 4.81 -8.80
N GLU B 114 21.34 3.55 -8.77
CA GLU B 114 21.30 2.77 -10.01
C GLU B 114 20.25 3.32 -10.97
N GLU B 115 19.12 3.76 -10.41
CA GLU B 115 18.07 4.39 -11.21
C GLU B 115 18.56 5.72 -11.80
N TYR B 116 19.38 6.42 -11.05
CA TYR B 116 19.97 7.70 -11.49
C TYR B 116 20.84 7.46 -12.70
N ILE B 117 21.67 6.43 -12.62
CA ILE B 117 22.54 6.09 -13.74
C ILE B 117 21.72 5.69 -14.97
N ARG B 118 20.69 4.87 -14.79
CA ARG B 118 19.81 4.51 -15.91
C ARG B 118 19.20 5.72 -16.60
N ASP B 119 18.71 6.68 -15.82
CA ASP B 119 18.15 7.90 -16.39
C ASP B 119 19.20 8.66 -17.20
N LYS B 120 20.42 8.74 -16.66
CA LYS B 120 21.52 9.45 -17.31
C LYS B 120 21.80 8.79 -18.66
N TYR B 121 21.75 7.48 -18.66
CA TYR B 121 22.01 6.69 -19.85
C TYR B 121 20.90 6.90 -20.89
N ILE B 122 19.64 6.84 -20.45
CA ILE B 122 18.53 7.11 -21.37
C ILE B 122 18.70 8.44 -22.07
N THR B 123 19.06 9.46 -21.30
CA THR B 123 19.22 10.82 -21.85
C THR B 123 20.33 10.86 -22.90
N ALA B 124 21.48 10.31 -22.57
CA ALA B 124 22.62 10.28 -23.48
C ALA B 124 22.30 9.54 -24.78
N LYS B 125 21.57 8.44 -24.69
CA LYS B 125 21.17 7.66 -25.87
C LYS B 125 20.27 8.51 -26.77
N ALA B 126 19.33 9.23 -26.16
CA ALA B 126 18.42 10.10 -26.89
C ALA B 126 19.18 11.19 -27.64
N ASP B 127 20.05 11.90 -26.92
CA ASP B 127 20.88 12.91 -27.55
C ASP B 127 21.69 12.30 -28.68
N PHE B 128 22.23 11.12 -28.42
CA PHE B 128 23.07 10.46 -29.41
C PHE B 128 22.28 10.18 -30.70
N ARG B 129 21.03 9.76 -30.55
CA ARG B 129 20.24 9.47 -31.72
C ARG B 129 19.96 10.75 -32.49
N THR B 130 19.78 11.84 -31.77
CA THR B 130 19.64 13.14 -32.40
C THR B 130 20.85 13.46 -33.28
N LEU B 131 22.04 13.21 -32.77
CA LEU B 131 23.28 13.44 -33.53
C LEU B 131 23.29 12.58 -34.80
N LEU B 132 22.89 11.31 -34.67
CA LEU B 132 22.85 10.42 -35.82
C LEU B 132 21.99 10.99 -36.94
N LYS B 133 20.80 11.48 -36.61
CA LYS B 133 19.91 12.05 -37.62
C LYS B 133 20.50 13.28 -38.29
N GLU B 134 21.40 13.97 -37.58
CA GLU B 134 22.07 15.13 -38.14
C GLU B 134 23.15 14.74 -39.14
N THR B 135 23.61 13.49 -39.06
CA THR B 135 24.76 13.08 -39.82
C THR B 135 24.28 12.48 -41.14
N LYS B 136 24.43 13.25 -42.22
CA LYS B 136 23.89 12.87 -43.52
C LYS B 136 24.68 11.76 -44.22
N PHE B 137 25.90 11.50 -43.76
CA PHE B 137 26.70 10.38 -44.25
C PHE B 137 25.98 9.05 -43.94
N ILE B 138 25.17 9.04 -42.88
CA ILE B 138 24.39 7.84 -42.55
C ILE B 138 23.06 7.83 -43.30
N THR B 139 22.88 6.84 -44.16
CA THR B 139 21.68 6.72 -44.99
C THR B 139 21.24 5.27 -45.04
N TYR B 140 20.15 5.00 -45.72
CA TYR B 140 19.65 3.64 -45.83
C TYR B 140 20.68 2.72 -46.49
N ARG B 141 21.56 3.29 -47.31
CA ARG B 141 22.59 2.51 -47.97
C ARG B 141 23.67 2.01 -46.99
N SER B 142 23.64 2.52 -45.76
CA SER B 142 24.66 2.13 -44.79
C SER B 142 24.48 0.68 -44.37
N LYS B 143 23.26 0.17 -44.47
CA LYS B 143 22.98 -1.21 -44.11
C LYS B 143 23.88 -2.16 -44.90
N LYS B 144 23.85 -2.06 -46.23
CA LYS B 144 24.69 -2.94 -47.05
C LYS B 144 26.16 -2.71 -46.76
N LEU B 145 26.54 -1.45 -46.52
CA LEU B 145 27.95 -1.11 -46.27
C LEU B 145 28.47 -1.75 -45.00
N ILE B 146 27.62 -1.77 -43.98
CA ILE B 146 27.96 -2.41 -42.72
C ILE B 146 28.02 -3.92 -42.84
N GLN B 147 27.17 -4.49 -43.67
CA GLN B 147 27.22 -5.94 -43.89
C GLN B 147 28.49 -6.36 -44.63
N GLU B 148 29.00 -5.48 -45.47
CA GLU B 148 30.18 -5.76 -46.29
C GLU B 148 31.49 -5.82 -45.50
N SER B 149 31.68 -4.87 -44.59
CA SER B 149 32.90 -4.84 -43.79
C SER B 149 32.76 -3.86 -42.64
N ASP B 150 33.80 -3.80 -41.80
CA ASP B 150 33.79 -2.93 -40.62
C ASP B 150 34.20 -1.51 -40.98
N GLN B 151 34.55 -1.26 -42.23
CA GLN B 151 34.99 0.08 -42.61
C GLN B 151 33.95 1.19 -42.41
N HIS B 152 32.69 0.91 -42.73
CA HIS B 152 31.69 1.99 -42.71
C HIS B 152 31.48 2.55 -41.30
N LEU B 153 31.39 1.65 -40.32
CA LEU B 153 31.26 2.06 -38.92
C LEU B 153 32.45 2.93 -38.51
N LYS B 154 33.65 2.56 -38.96
CA LYS B 154 34.83 3.36 -38.59
C LYS B 154 34.70 4.73 -39.21
N ASP B 155 34.33 4.77 -40.49
CA ASP B 155 34.05 6.03 -41.17
C ASP B 155 33.02 6.89 -40.42
N VAL B 156 31.93 6.27 -39.99
CA VAL B 156 30.88 7.00 -39.29
C VAL B 156 31.43 7.56 -38.00
N GLU B 157 32.16 6.75 -37.25
CA GLU B 157 32.67 7.18 -35.96
C GLU B 157 33.69 8.32 -36.12
N LYS B 158 34.49 8.27 -37.19
CA LYS B 158 35.44 9.34 -37.46
C LYS B 158 34.72 10.68 -37.57
N ILE B 159 33.57 10.67 -38.24
CA ILE B 159 32.74 11.86 -38.39
C ILE B 159 32.11 12.34 -37.08
N LEU B 160 31.72 11.41 -36.21
CA LEU B 160 31.09 11.76 -34.95
C LEU B 160 32.08 12.07 -33.80
N GLN B 161 33.35 11.75 -34.01
CA GLN B 161 34.35 11.65 -32.94
C GLN B 161 34.48 12.84 -31.97
N ASN B 162 34.31 14.06 -32.49
CA ASN B 162 34.50 15.24 -31.65
C ASN B 162 33.19 15.84 -31.10
N ASP B 163 32.07 15.18 -31.36
CA ASP B 163 30.80 15.71 -30.88
C ASP B 163 30.55 15.31 -29.43
N LYS B 164 30.19 16.29 -28.61
CA LYS B 164 29.98 16.08 -27.16
C LYS B 164 29.02 14.93 -26.87
N ARG B 165 28.02 14.76 -27.73
CA ARG B 165 26.99 13.74 -27.52
C ARG B 165 27.53 12.33 -27.79
N TYR B 166 28.54 12.25 -28.64
CA TYR B 166 29.27 11.02 -28.90
C TYR B 166 30.25 10.74 -27.76
N LEU B 167 30.98 11.78 -27.35
CA LEU B 167 31.99 11.62 -26.31
C LEU B 167 31.40 11.25 -24.96
N VAL B 168 30.17 11.68 -24.67
CA VAL B 168 29.55 11.34 -23.40
C VAL B 168 29.31 9.83 -23.27
N LEU B 169 29.30 9.11 -24.40
CA LEU B 169 29.16 7.67 -24.38
C LEU B 169 30.50 6.91 -24.42
N ASP B 170 31.61 7.64 -24.26
CA ASP B 170 32.95 7.03 -24.31
C ASP B 170 33.14 5.81 -23.40
N CYS B 171 32.43 5.77 -22.28
CA CYS B 171 32.59 4.64 -21.35
C CYS B 171 31.87 3.39 -21.83
N VAL B 172 31.01 3.52 -22.83
CA VAL B 172 30.23 2.40 -23.34
C VAL B 172 30.33 2.32 -24.88
N PRO B 173 31.55 2.15 -25.40
CA PRO B 173 31.82 2.10 -26.84
C PRO B 173 31.04 1.02 -27.58
N GLU B 174 30.86 -0.14 -26.94
CA GLU B 174 30.14 -1.26 -27.54
C GLU B 174 28.66 -0.92 -27.72
N GLU B 175 28.09 -0.24 -26.74
CA GLU B 175 26.68 0.11 -26.81
C GLU B 175 26.46 1.23 -27.82
N ARG B 176 27.38 2.18 -27.85
CA ARG B 176 27.32 3.26 -28.81
C ARG B 176 27.21 2.68 -30.22
N ARG B 177 28.08 1.73 -30.53
CA ARG B 177 28.05 1.08 -31.84
C ARG B 177 26.70 0.45 -32.14
N LYS B 178 26.08 -0.17 -31.14
CA LYS B 178 24.78 -0.79 -31.37
C LYS B 178 23.70 0.23 -31.70
N LEU B 179 23.82 1.44 -31.17
CA LEU B 179 22.86 2.51 -31.44
C LEU B 179 22.97 2.98 -32.88
N ILE B 180 24.19 3.03 -33.38
CA ILE B 180 24.40 3.37 -34.79
C ILE B 180 23.78 2.27 -35.66
N VAL B 181 24.09 1.02 -35.34
CA VAL B 181 23.55 -0.12 -36.10
C VAL B 181 22.01 -0.14 -36.11
N ALA B 182 21.41 0.06 -34.94
CA ALA B 182 19.96 0.12 -34.83
C ALA B 182 19.39 1.29 -35.65
N TYR B 183 20.03 2.45 -35.57
CA TYR B 183 19.59 3.60 -36.35
C TYR B 183 19.65 3.30 -37.85
N VAL B 184 20.72 2.65 -38.30
CA VAL B 184 20.83 2.29 -39.71
C VAL B 184 19.69 1.33 -40.13
N ASP B 185 19.37 0.37 -39.28
CA ASP B 185 18.26 -0.56 -39.53
C ASP B 185 16.92 0.16 -39.67
N ASP B 186 16.67 1.15 -38.81
CA ASP B 186 15.48 1.99 -38.91
C ASP B 186 15.40 2.71 -40.26
N LEU B 187 16.53 3.27 -40.69
CA LEU B 187 16.58 3.94 -41.99
C LEU B 187 16.25 2.98 -43.14
N ASP B 188 16.70 1.73 -43.01
CA ASP B 188 16.54 0.76 -44.08
C ASP B 188 15.14 0.14 -44.14
N ARG B 189 14.24 0.59 -43.29
CA ARG B 189 12.84 0.18 -43.34
C ARG B 189 12.05 1.02 -44.34
NI NI C . -20.68 -27.26 51.01
NI NI D . -17.05 28.33 10.73
CL CL E . -4.16 7.46 15.49
#